data_3JXY
#
_entry.id   3JXY
#
_cell.length_a   38.200
_cell.length_b   93.594
_cell.length_c   48.118
_cell.angle_alpha   90.00
_cell.angle_beta   112.60
_cell.angle_gamma   90.00
#
_symmetry.space_group_name_H-M   'P 1 21 1'
#
loop_
_entity.id
_entity.type
_entity.pdbx_description
1 polymer 'alkylpurine DNA glycosylase AlkD'
2 polymer "DNA (5'-D(*CP*GP*GP*AP*CP*TP*GP*AP*CP*GP*GP*G)-3')"
3 polymer "DNA (5'-D(*CP*CP*CP*GP*TP*TP*AP*GP*TP*CP*CP*G)-3')"
4 water water
#
loop_
_entity_poly.entity_id
_entity_poly.type
_entity_poly.pdbx_seq_one_letter_code
_entity_poly.pdbx_strand_id
1 'polypeptide(L)'
;PMHPFVKALQEHFTAHQNPEKAEPMARYMKNHFLFLGIQTPERRQLLKDIIQIHTLPDQKDFQIIIRELWDLPEREFQAA
ALDIMQKYKKHINETHIPFLEELIVTKSWWDSVDSIVPTFLGDIFLKHPELISAYIPKWIASDNIWLQRAAILFQLKYKQ
KMDEELLFWIIGQLHSSKEFFIQKAIGWVLREYAKTNPDVVWEYVQNNELAPLSKREAIKHIKQNYGINNEK
;
A
2 'polydeoxyribonucleotide' (DC)(DG)(DG)(DA)(DC)(DT)(DG)(DA)(DC)(DG)(DG)(DG) B
3 'polydeoxyribonucleotide' (DC)(DC)(DC)(DG)(DT)(DT)(DA)(DG)(DT)(DC)(DC)(DG) C
#
loop_
_chem_comp.id
_chem_comp.type
_chem_comp.name
_chem_comp.formula
DA DNA linking 2'-DEOXYADENOSINE-5'-MONOPHOSPHATE 'C10 H14 N5 O6 P'
DC DNA linking 2'-DEOXYCYTIDINE-5'-MONOPHOSPHATE 'C9 H14 N3 O7 P'
DG DNA linking 2'-DEOXYGUANOSINE-5'-MONOPHOSPHATE 'C10 H14 N5 O7 P'
DT DNA linking THYMIDINE-5'-MONOPHOSPHATE 'C10 H15 N2 O8 P'
#
# COMPACT_ATOMS: atom_id res chain seq x y z
N PRO A 1 21.05 10.85 -7.12
CA PRO A 1 21.42 10.79 -5.70
C PRO A 1 22.30 11.95 -5.32
N MET A 2 21.70 13.12 -5.11
CA MET A 2 22.46 14.21 -4.55
C MET A 2 22.88 13.76 -3.16
N HIS A 3 21.93 13.40 -2.31
CA HIS A 3 22.25 13.15 -0.91
C HIS A 3 23.24 12.00 -0.76
N PRO A 4 24.30 12.18 0.03
CA PRO A 4 25.34 11.16 0.17
C PRO A 4 24.82 9.81 0.65
N PHE A 5 23.78 9.81 1.47
CA PHE A 5 23.21 8.55 1.95
C PHE A 5 22.57 7.80 0.78
N VAL A 6 21.87 8.54 -0.07
CA VAL A 6 21.23 7.95 -1.23
C VAL A 6 22.28 7.46 -2.25
N LYS A 7 23.32 8.26 -2.46
CA LYS A 7 24.40 7.86 -3.37
C LYS A 7 25.08 6.58 -2.87
N ALA A 8 25.30 6.50 -1.57
CA ALA A 8 25.94 5.30 -1.01
C ALA A 8 25.04 4.08 -1.19
N LEU A 9 23.74 4.26 -1.00
CA LEU A 9 22.80 3.17 -1.19
C LEU A 9 22.76 2.72 -2.66
N GLN A 10 22.73 3.69 -3.57
CA GLN A 10 22.73 3.39 -5.00
C GLN A 10 23.96 2.58 -5.39
N GLU A 11 25.13 3.02 -4.94
CA GLU A 11 26.38 2.33 -5.26
C GLU A 11 26.39 0.90 -4.69
N HIS A 12 25.97 0.76 -3.44
CA HIS A 12 26.01 -0.54 -2.75
C HIS A 12 25.01 -1.52 -3.37
N PHE A 13 23.79 -1.05 -3.67
CA PHE A 13 22.80 -1.90 -4.35
C PHE A 13 23.31 -2.33 -5.71
N THR A 14 23.80 -1.37 -6.49
CA THR A 14 24.23 -1.64 -7.86
C THR A 14 25.35 -2.68 -7.89
N ALA A 15 26.24 -2.63 -6.90
CA ALA A 15 27.35 -3.58 -6.83
C ALA A 15 26.90 -5.01 -6.58
N HIS A 16 25.63 -5.17 -6.16
CA HIS A 16 25.09 -6.50 -5.89
C HIS A 16 23.90 -6.84 -6.79
N GLN A 17 23.83 -6.17 -7.94
CA GLN A 17 22.74 -6.42 -8.87
C GLN A 17 22.80 -7.82 -9.47
N ASN A 18 21.65 -8.33 -9.88
CA ASN A 18 21.54 -9.68 -10.43
C ASN A 18 20.64 -9.62 -11.66
N PRO A 19 21.24 -9.46 -12.85
CA PRO A 19 20.45 -9.27 -14.08
C PRO A 19 19.60 -10.49 -14.40
N GLU A 20 20.08 -11.66 -13.99
CA GLU A 20 19.34 -12.89 -14.23
C GLU A 20 18.01 -12.88 -13.47
N LYS A 21 18.05 -12.46 -12.20
CA LYS A 21 16.83 -12.34 -11.40
C LYS A 21 16.00 -11.12 -11.79
N ALA A 22 16.66 -10.08 -12.26
CA ALA A 22 15.95 -8.84 -12.59
C ALA A 22 14.88 -9.07 -13.65
N GLU A 23 15.13 -9.99 -14.57
CA GLU A 23 14.19 -10.24 -15.67
C GLU A 23 12.83 -10.75 -15.18
N PRO A 24 12.81 -11.87 -14.43
CA PRO A 24 11.53 -12.35 -13.91
C PRO A 24 10.91 -11.37 -12.90
N MET A 25 11.74 -10.68 -12.14
CA MET A 25 11.20 -9.74 -11.16
C MET A 25 10.47 -8.60 -11.87
N ALA A 26 11.04 -8.12 -12.98
CA ALA A 26 10.40 -7.05 -13.75
C ALA A 26 9.12 -7.55 -14.41
N ARG A 27 9.14 -8.78 -14.88
CA ARG A 27 7.97 -9.39 -15.54
C ARG A 27 6.80 -9.53 -14.55
N TYR A 28 7.12 -9.82 -13.30
CA TYR A 28 6.11 -9.98 -12.24
C TYR A 28 5.34 -8.68 -12.02
N MET A 29 6.02 -7.55 -12.19
CA MET A 29 5.36 -6.24 -12.11
C MET A 29 4.94 -5.72 -13.49
N LYS A 30 4.72 -6.64 -14.42
CA LYS A 30 4.21 -6.30 -15.76
C LYS A 30 5.10 -5.29 -16.47
N ASN A 31 6.40 -5.37 -16.19
CA ASN A 31 7.40 -4.53 -16.85
C ASN A 31 7.18 -3.03 -16.73
N HIS A 32 6.56 -2.62 -15.63
CA HIS A 32 6.39 -1.18 -15.40
C HIS A 32 7.66 -0.54 -14.85
N PHE A 33 8.56 -1.37 -14.34
CA PHE A 33 9.78 -0.89 -13.70
C PHE A 33 11.01 -1.67 -14.08
N LEU A 34 12.14 -0.97 -14.16
CA LEU A 34 13.43 -1.67 -14.17
C LEU A 34 13.67 -2.24 -12.77
N PHE A 35 14.40 -3.34 -12.70
CA PHE A 35 14.83 -3.93 -11.44
C PHE A 35 16.35 -4.16 -11.48
N LEU A 36 16.99 -4.05 -10.32
CA LEU A 36 18.38 -4.48 -10.20
C LEU A 36 18.45 -6.00 -10.04
N GLY A 37 17.39 -6.60 -9.50
CA GLY A 37 17.35 -8.03 -9.27
C GLY A 37 17.72 -8.44 -7.87
N ILE A 38 17.45 -7.59 -6.89
CA ILE A 38 17.80 -7.87 -5.49
C ILE A 38 16.53 -8.11 -4.71
N GLN A 39 16.42 -9.30 -4.11
CA GLN A 39 15.23 -9.64 -3.33
C GLN A 39 15.27 -9.09 -1.90
N THR A 40 14.14 -9.17 -1.20
CA THR A 40 13.98 -8.44 0.06
C THR A 40 15.01 -8.71 1.17
N PRO A 41 15.29 -9.99 1.46
CA PRO A 41 16.27 -10.21 2.53
C PRO A 41 17.61 -9.53 2.29
N GLU A 42 18.19 -9.70 1.11
CA GLU A 42 19.45 -9.03 0.82
C GLU A 42 19.28 -7.52 0.75
N ARG A 43 18.18 -7.05 0.15
CA ARG A 43 17.98 -5.62 0.01
C ARG A 43 17.97 -4.94 1.38
N ARG A 44 17.34 -5.58 2.37
CA ARG A 44 17.30 -5.04 3.72
C ARG A 44 18.68 -5.05 4.38
N GLN A 45 19.47 -6.09 4.12
CA GLN A 45 20.82 -6.13 4.64
C GLN A 45 21.70 -5.04 4.02
N LEU A 46 21.55 -4.82 2.72
CA LEU A 46 22.34 -3.79 2.05
C LEU A 46 22.02 -2.40 2.61
N LEU A 47 20.75 -2.14 2.87
CA LEU A 47 20.36 -0.90 3.53
C LEU A 47 20.99 -0.80 4.92
N LYS A 48 20.92 -1.90 5.67
CA LYS A 48 21.51 -1.95 6.99
C LYS A 48 23.01 -1.67 6.97
N ASP A 49 23.71 -2.18 5.97
CA ASP A 49 25.14 -1.92 5.80
C ASP A 49 25.40 -0.42 5.74
N ILE A 50 24.57 0.27 4.95
CA ILE A 50 24.77 1.70 4.72
C ILE A 50 24.42 2.52 5.96
N ILE A 51 23.38 2.11 6.67
CA ILE A 51 23.05 2.74 7.96
C ILE A 51 24.18 2.57 8.97
N GLN A 52 24.77 1.39 9.00
CA GLN A 52 25.86 1.12 9.95
C GLN A 52 27.07 2.00 9.68
N ILE A 53 27.40 2.18 8.40
CA ILE A 53 28.56 2.98 8.01
C ILE A 53 28.32 4.48 8.15
N HIS A 54 27.17 4.95 7.70
CA HIS A 54 26.92 6.39 7.58
C HIS A 54 26.03 6.97 8.67
N THR A 55 25.31 6.10 9.35
CA THR A 55 24.22 6.44 10.26
C THR A 55 23.00 6.92 9.47
N LEU A 56 21.83 6.80 10.08
CA LEU A 56 20.61 7.27 9.46
C LEU A 56 20.63 8.80 9.47
N PRO A 57 20.35 9.41 8.31
CA PRO A 57 20.39 10.87 8.25
C PRO A 57 19.44 11.55 9.25
N ASP A 58 19.78 12.78 9.62
CA ASP A 58 18.93 13.60 10.47
C ASP A 58 17.53 13.67 9.86
N GLN A 59 16.52 13.73 10.73
CA GLN A 59 15.12 13.79 10.29
C GLN A 59 14.84 14.95 9.34
N LYS A 60 15.63 16.02 9.42
CA LYS A 60 15.45 17.14 8.51
C LYS A 60 15.54 16.71 7.04
N ASP A 61 16.24 15.59 6.80
CA ASP A 61 16.49 15.09 5.45
C ASP A 61 15.54 13.94 5.04
N PHE A 62 14.62 13.57 5.93
CA PHE A 62 13.77 12.41 5.72
C PHE A 62 13.01 12.46 4.39
N GLN A 63 12.20 13.50 4.19
CA GLN A 63 11.40 13.59 2.98
C GLN A 63 12.28 13.69 1.73
N ILE A 64 13.40 14.38 1.86
CA ILE A 64 14.34 14.54 0.75
C ILE A 64 14.88 13.19 0.27
N ILE A 65 15.30 12.36 1.22
CA ILE A 65 15.85 11.05 0.90
C ILE A 65 14.80 10.15 0.26
N ILE A 66 13.57 10.20 0.76
CA ILE A 66 12.51 9.41 0.18
C ILE A 66 12.26 9.79 -1.27
N ARG A 67 12.16 11.09 -1.54
CA ARG A 67 11.86 11.55 -2.88
C ARG A 67 12.99 11.22 -3.86
N GLU A 68 14.23 11.35 -3.41
CA GLU A 68 15.36 11.02 -4.29
C GLU A 68 15.38 9.53 -4.63
N LEU A 69 15.07 8.68 -3.67
CA LEU A 69 14.98 7.25 -3.96
C LEU A 69 13.79 6.96 -4.86
N TRP A 70 12.70 7.70 -4.68
CA TRP A 70 11.51 7.51 -5.50
C TRP A 70 11.81 7.85 -6.95
N ASP A 71 12.73 8.79 -7.15
CA ASP A 71 13.09 9.25 -8.49
C ASP A 71 14.07 8.33 -9.24
N LEU A 72 14.68 7.39 -8.53
CA LEU A 72 15.60 6.47 -9.21
C LEU A 72 14.82 5.40 -9.97
N PRO A 73 15.40 4.90 -11.07
CA PRO A 73 14.64 4.03 -11.98
C PRO A 73 14.32 2.65 -11.41
N GLU A 74 15.25 2.01 -10.70
CA GLU A 74 15.03 0.63 -10.30
C GLU A 74 14.10 0.49 -9.08
N ARG A 75 13.22 -0.50 -9.14
CA ARG A 75 12.13 -0.63 -8.17
C ARG A 75 12.65 -0.84 -6.74
N GLU A 76 13.83 -1.46 -6.62
CA GLU A 76 14.42 -1.69 -5.30
C GLU A 76 14.62 -0.39 -4.52
N PHE A 77 14.80 0.72 -5.22
CA PHE A 77 15.00 1.98 -4.53
C PHE A 77 13.71 2.51 -3.89
N GLN A 78 12.55 2.24 -4.51
CA GLN A 78 11.30 2.59 -3.87
C GLN A 78 11.02 1.67 -2.68
N ALA A 79 11.33 0.39 -2.83
CA ALA A 79 11.21 -0.55 -1.70
C ALA A 79 12.09 -0.11 -0.54
N ALA A 80 13.32 0.28 -0.83
CA ALA A 80 14.22 0.77 0.21
C ALA A 80 13.71 2.07 0.83
N ALA A 81 13.13 2.93 0.01
CA ALA A 81 12.54 4.17 0.52
C ALA A 81 11.46 3.87 1.57
N LEU A 82 10.67 2.84 1.31
CA LEU A 82 9.63 2.46 2.26
C LEU A 82 10.22 1.87 3.55
N ASP A 83 11.30 1.08 3.42
CA ASP A 83 12.01 0.61 4.61
C ASP A 83 12.51 1.81 5.44
N ILE A 84 13.05 2.81 4.75
CA ILE A 84 13.56 3.99 5.42
C ILE A 84 12.46 4.82 6.08
N MET A 85 11.31 4.96 5.40
CA MET A 85 10.19 5.68 5.99
C MET A 85 9.79 5.05 7.33
N GLN A 86 9.79 3.73 7.40
CA GLN A 86 9.45 3.03 8.63
C GLN A 86 10.40 3.43 9.77
N LYS A 87 11.66 3.67 9.44
CA LYS A 87 12.63 4.07 10.44
C LYS A 87 12.40 5.48 10.98
N TYR A 88 11.65 6.29 10.23
CA TYR A 88 11.30 7.64 10.67
C TYR A 88 9.85 7.70 11.15
N LYS A 89 9.25 6.53 11.36
CA LYS A 89 7.85 6.40 11.73
C LYS A 89 7.36 7.34 12.83
N LYS A 90 8.16 7.49 13.87
CA LYS A 90 7.72 8.26 15.04
C LYS A 90 7.71 9.76 14.76
N HIS A 91 8.16 10.15 13.56
CA HIS A 91 8.19 11.54 13.15
C HIS A 91 7.09 11.90 12.17
N ILE A 92 6.34 10.89 11.74
CA ILE A 92 5.28 11.06 10.73
C ILE A 92 3.95 11.36 11.41
N ASN A 93 3.24 12.35 10.90
CA ASN A 93 1.96 12.73 11.49
C ASN A 93 0.98 13.20 10.43
N GLU A 94 -0.14 13.80 10.86
CA GLU A 94 -1.18 14.21 9.92
C GLU A 94 -0.71 15.23 8.87
N THR A 95 0.32 16.01 9.19
CA THR A 95 0.83 16.98 8.22
C THR A 95 1.50 16.32 7.03
N HIS A 96 1.77 15.02 7.13
CA HIS A 96 2.41 14.27 6.05
C HIS A 96 1.44 13.65 5.06
N ILE A 97 0.14 13.86 5.24
CA ILE A 97 -0.81 13.24 4.30
C ILE A 97 -0.55 13.61 2.83
N PRO A 98 -0.40 14.91 2.52
CA PRO A 98 -0.11 15.26 1.12
C PRO A 98 1.17 14.61 0.60
N PHE A 99 2.20 14.57 1.43
CA PHE A 99 3.46 13.90 1.08
C PHE A 99 3.21 12.43 0.74
N LEU A 100 2.38 11.76 1.53
CA LEU A 100 2.07 10.36 1.28
C LEU A 100 1.20 10.18 0.04
N GLU A 101 0.26 11.11 -0.19
CA GLU A 101 -0.53 11.11 -1.42
C GLU A 101 0.36 11.16 -2.66
N GLU A 102 1.35 12.03 -2.64
CA GLU A 102 2.26 12.16 -3.78
C GLU A 102 3.03 10.88 -4.04
N LEU A 103 3.41 10.18 -2.98
CA LEU A 103 4.08 8.89 -3.14
C LEU A 103 3.14 7.86 -3.78
N ILE A 104 1.87 7.91 -3.40
CA ILE A 104 0.89 6.97 -3.94
C ILE A 104 0.72 7.13 -5.44
N VAL A 105 0.72 8.38 -5.91
CA VAL A 105 0.42 8.66 -7.32
C VAL A 105 1.64 8.82 -8.22
N THR A 106 2.83 8.51 -7.69
CA THR A 106 4.04 8.49 -8.52
C THR A 106 4.69 7.12 -8.43
N LYS A 107 5.25 6.65 -9.55
CA LYS A 107 5.80 5.29 -9.62
C LYS A 107 4.77 4.30 -9.05
N SER A 108 3.53 4.45 -9.46
CA SER A 108 2.41 3.72 -8.84
C SER A 108 2.28 2.28 -9.30
N TRP A 109 2.16 1.37 -8.33
CA TRP A 109 1.73 0.00 -8.61
C TRP A 109 1.27 -0.60 -7.29
N TRP A 110 0.78 -1.84 -7.31
CA TRP A 110 0.18 -2.42 -6.11
C TRP A 110 1.19 -2.61 -4.97
N ASP A 111 2.45 -2.85 -5.33
CA ASP A 111 3.48 -3.08 -4.32
C ASP A 111 3.74 -1.85 -3.45
N SER A 112 3.95 -0.69 -4.08
CA SER A 112 4.21 0.52 -3.32
C SER A 112 2.96 1.01 -2.59
N VAL A 113 1.84 1.00 -3.30
CA VAL A 113 0.59 1.53 -2.72
C VAL A 113 0.14 0.72 -1.51
N ASP A 114 0.24 -0.61 -1.59
CA ASP A 114 -0.10 -1.46 -0.46
C ASP A 114 0.84 -1.25 0.74
N SER A 115 2.07 -0.84 0.48
CA SER A 115 3.04 -0.62 1.55
C SER A 115 2.90 0.75 2.21
N ILE A 116 2.19 1.66 1.54
CA ILE A 116 1.96 3.00 2.09
C ILE A 116 0.64 3.11 2.84
N VAL A 117 -0.40 2.46 2.33
CA VAL A 117 -1.77 2.78 2.75
C VAL A 117 -2.25 2.22 4.11
N PRO A 118 -2.30 0.88 4.26
CA PRO A 118 -2.88 0.36 5.51
C PRO A 118 -2.02 0.65 6.74
N THR A 119 -0.75 0.95 6.51
CA THR A 119 0.16 1.20 7.62
C THR A 119 0.30 2.69 7.91
N PHE A 120 0.98 3.42 7.04
CA PHE A 120 1.26 4.83 7.30
C PHE A 120 -0.02 5.67 7.33
N LEU A 121 -0.84 5.57 6.30
CA LEU A 121 -2.10 6.32 6.28
C LEU A 121 -3.10 5.75 7.27
N GLY A 122 -3.15 4.42 7.40
CA GLY A 122 -4.02 3.81 8.38
C GLY A 122 -3.79 4.35 9.78
N ASP A 123 -2.52 4.46 10.18
CA ASP A 123 -2.19 4.92 11.52
C ASP A 123 -2.61 6.39 11.71
N ILE A 124 -2.36 7.20 10.69
CA ILE A 124 -2.69 8.62 10.76
C ILE A 124 -4.20 8.83 10.94
N PHE A 125 -5.00 8.15 10.12
CA PHE A 125 -6.45 8.31 10.20
C PHE A 125 -7.07 7.65 11.44
N LEU A 126 -6.33 6.73 12.06
CA LEU A 126 -6.79 6.13 13.30
C LEU A 126 -6.69 7.16 14.43
N LYS A 127 -5.61 7.94 14.41
CA LYS A 127 -5.39 8.96 15.42
C LYS A 127 -6.19 10.23 15.12
N HIS A 128 -6.47 10.46 13.83
CA HIS A 128 -7.17 11.67 13.40
C HIS A 128 -8.33 11.33 12.45
N PRO A 129 -9.36 10.65 12.98
CA PRO A 129 -10.48 10.22 12.13
C PRO A 129 -11.22 11.40 11.52
N GLU A 130 -11.11 12.57 12.16
CA GLU A 130 -11.81 13.75 11.69
C GLU A 130 -11.24 14.28 10.38
N LEU A 131 -10.06 13.81 10.00
CA LEU A 131 -9.44 14.23 8.73
C LEU A 131 -9.82 13.33 7.56
N ILE A 132 -10.44 12.20 7.84
CA ILE A 132 -10.83 11.29 6.77
C ILE A 132 -11.66 11.99 5.68
N SER A 133 -12.65 12.78 6.09
CA SER A 133 -13.51 13.45 5.12
C SER A 133 -12.85 14.60 4.38
N ALA A 134 -11.63 14.97 4.77
CA ALA A 134 -10.86 15.95 4.01
C ALA A 134 -10.12 15.32 2.82
N TYR A 135 -10.09 13.99 2.78
CA TYR A 135 -9.32 13.28 1.74
C TYR A 135 -10.11 12.22 0.97
N ILE A 136 -10.86 11.40 1.70
CA ILE A 136 -11.48 10.23 1.07
C ILE A 136 -12.44 10.58 -0.09
N PRO A 137 -13.31 11.59 0.10
CA PRO A 137 -14.18 11.94 -1.04
C PRO A 137 -13.41 12.33 -2.30
N LYS A 138 -12.33 13.10 -2.15
CA LYS A 138 -11.49 13.47 -3.29
C LYS A 138 -10.84 12.25 -3.94
N TRP A 139 -10.34 11.33 -3.11
CA TRP A 139 -9.68 10.14 -3.63
C TRP A 139 -10.63 9.32 -4.49
N ILE A 140 -11.86 9.15 -4.02
CA ILE A 140 -12.85 8.36 -4.74
C ILE A 140 -13.24 9.05 -6.06
N ALA A 141 -13.33 10.37 -6.03
CA ALA A 141 -13.77 11.13 -7.19
C ALA A 141 -12.67 11.31 -8.25
N SER A 142 -11.43 11.02 -7.86
CA SER A 142 -10.30 11.26 -8.74
C SER A 142 -10.27 10.25 -9.88
N ASP A 143 -9.45 10.54 -10.88
CA ASP A 143 -9.25 9.60 -11.99
C ASP A 143 -8.27 8.48 -11.62
N ASN A 144 -7.71 8.55 -10.42
CA ASN A 144 -6.57 7.73 -10.07
C ASN A 144 -6.94 6.46 -9.29
N ILE A 145 -6.72 5.29 -9.90
CA ILE A 145 -7.17 4.05 -9.27
C ILE A 145 -6.42 3.75 -7.99
N TRP A 146 -5.21 4.30 -7.85
CA TRP A 146 -4.42 4.07 -6.65
C TRP A 146 -4.93 4.87 -5.45
N LEU A 147 -5.42 6.08 -5.70
CA LEU A 147 -6.11 6.84 -4.66
C LEU A 147 -7.43 6.17 -4.28
N GLN A 148 -8.12 5.61 -5.27
CA GLN A 148 -9.34 4.87 -4.99
C GLN A 148 -9.03 3.63 -4.14
N ARG A 149 -7.96 2.91 -4.49
CA ARG A 149 -7.53 1.77 -3.70
C ARG A 149 -7.12 2.17 -2.28
N ALA A 150 -6.51 3.35 -2.15
CA ALA A 150 -6.15 3.89 -0.84
C ALA A 150 -7.39 4.11 0.04
N ALA A 151 -8.44 4.65 -0.56
CA ALA A 151 -9.68 4.88 0.18
C ALA A 151 -10.25 3.57 0.71
N ILE A 152 -10.14 2.50 -0.07
CA ILE A 152 -10.65 1.19 0.33
C ILE A 152 -9.78 0.56 1.42
N LEU A 153 -8.47 0.63 1.25
CA LEU A 153 -7.56 -0.16 2.08
C LEU A 153 -7.02 0.52 3.34
N PHE A 154 -7.27 1.81 3.53
CA PHE A 154 -6.63 2.46 4.68
C PHE A 154 -7.12 1.89 6.02
N GLN A 155 -8.33 1.32 6.04
CA GLN A 155 -8.87 0.70 7.26
C GLN A 155 -8.60 -0.79 7.36
N LEU A 156 -7.78 -1.33 6.46
CA LEU A 156 -7.58 -2.78 6.34
C LEU A 156 -7.32 -3.46 7.69
N LYS A 157 -6.47 -2.86 8.50
CA LYS A 157 -6.01 -3.47 9.76
C LYS A 157 -6.73 -2.96 11.01
N TYR A 158 -7.82 -2.22 10.81
CA TYR A 158 -8.50 -1.59 11.94
C TYR A 158 -9.17 -2.56 12.90
N LYS A 159 -9.53 -3.74 12.40
CA LYS A 159 -10.23 -4.73 13.23
C LYS A 159 -11.43 -4.10 13.94
N GLN A 160 -11.48 -4.17 15.27
CA GLN A 160 -12.63 -3.65 16.01
C GLN A 160 -12.79 -2.13 15.90
N LYS A 161 -11.77 -1.45 15.39
CA LYS A 161 -11.84 0.01 15.22
C LYS A 161 -12.37 0.38 13.84
N MET A 162 -12.72 -0.61 13.04
CA MET A 162 -13.31 -0.37 11.73
C MET A 162 -14.55 0.51 11.81
N ASP A 163 -14.62 1.53 10.96
CA ASP A 163 -15.85 2.30 10.79
C ASP A 163 -16.68 1.59 9.72
N GLU A 164 -17.64 0.79 10.14
CA GLU A 164 -18.43 -0.01 9.19
C GLU A 164 -19.23 0.84 8.21
N GLU A 165 -19.92 1.86 8.70
CA GLU A 165 -20.70 2.71 7.81
C GLU A 165 -19.79 3.32 6.73
N LEU A 166 -18.63 3.81 7.14
CA LEU A 166 -17.69 4.40 6.20
C LEU A 166 -17.18 3.37 5.20
N LEU A 167 -16.79 2.20 5.69
CA LEU A 167 -16.30 1.13 4.83
C LEU A 167 -17.32 0.80 3.74
N PHE A 168 -18.56 0.60 4.15
CA PHE A 168 -19.58 0.19 3.19
C PHE A 168 -19.95 1.33 2.26
N TRP A 169 -19.85 2.57 2.73
CA TRP A 169 -20.10 3.69 1.86
C TRP A 169 -19.04 3.76 0.76
N ILE A 170 -17.78 3.62 1.16
CA ILE A 170 -16.68 3.64 0.21
C ILE A 170 -16.84 2.52 -0.83
N ILE A 171 -17.12 1.32 -0.36
CA ILE A 171 -17.30 0.19 -1.27
C ILE A 171 -18.47 0.44 -2.23
N GLY A 172 -19.58 0.95 -1.71
CA GLY A 172 -20.71 1.33 -2.54
C GLY A 172 -20.36 2.30 -3.66
N GLN A 173 -19.52 3.28 -3.35
CA GLN A 173 -19.10 4.26 -4.35
C GLN A 173 -18.29 3.60 -5.47
N LEU A 174 -17.60 2.51 -5.16
CA LEU A 174 -16.63 1.92 -6.07
C LEU A 174 -17.03 0.55 -6.62
N HIS A 175 -18.21 0.05 -6.22
CA HIS A 175 -18.58 -1.32 -6.55
C HIS A 175 -18.79 -1.58 -8.04
N SER A 176 -19.03 -0.52 -8.80
CA SER A 176 -19.27 -0.67 -10.24
C SER A 176 -17.99 -0.60 -11.08
N SER A 177 -16.86 -0.34 -10.43
CA SER A 177 -15.61 -0.22 -11.16
C SER A 177 -15.26 -1.53 -11.86
N LYS A 178 -14.78 -1.41 -13.09
CA LYS A 178 -14.32 -2.54 -13.88
C LYS A 178 -12.83 -2.81 -13.65
N GLU A 179 -12.19 -1.95 -12.86
CA GLU A 179 -10.76 -2.07 -12.61
C GLU A 179 -10.43 -3.21 -11.65
N PHE A 180 -9.60 -4.14 -12.10
CA PHE A 180 -9.17 -5.25 -11.25
C PHE A 180 -8.66 -4.79 -9.88
N PHE A 181 -7.78 -3.79 -9.87
CA PHE A 181 -7.16 -3.38 -8.60
C PHE A 181 -8.17 -2.80 -7.61
N ILE A 182 -9.31 -2.32 -8.11
CA ILE A 182 -10.39 -1.86 -7.25
C ILE A 182 -11.27 -3.04 -6.79
N GLN A 183 -11.68 -3.88 -7.72
CA GLN A 183 -12.49 -5.06 -7.38
C GLN A 183 -11.77 -5.93 -6.36
N LYS A 184 -10.46 -6.15 -6.56
CA LYS A 184 -9.70 -7.02 -5.68
C LYS A 184 -9.50 -6.39 -4.30
N ALA A 185 -9.24 -5.07 -4.26
CA ALA A 185 -9.10 -4.38 -2.99
C ALA A 185 -10.39 -4.47 -2.16
N ILE A 186 -11.53 -4.35 -2.82
CA ILE A 186 -12.82 -4.51 -2.15
C ILE A 186 -12.95 -5.91 -1.56
N GLY A 187 -12.60 -6.93 -2.35
CA GLY A 187 -12.62 -8.30 -1.88
C GLY A 187 -11.72 -8.51 -0.67
N TRP A 188 -10.51 -7.95 -0.75
CA TRP A 188 -9.53 -8.09 0.30
C TRP A 188 -9.99 -7.45 1.61
N VAL A 189 -10.44 -6.20 1.56
CA VAL A 189 -10.82 -5.52 2.79
C VAL A 189 -12.03 -6.20 3.46
N LEU A 190 -12.96 -6.70 2.65
CA LEU A 190 -14.10 -7.45 3.21
C LEU A 190 -13.68 -8.79 3.80
N ARG A 191 -12.80 -9.51 3.10
CA ARG A 191 -12.29 -10.78 3.61
C ARG A 191 -11.58 -10.56 4.94
N GLU A 192 -10.80 -9.49 5.01
CA GLU A 192 -10.04 -9.22 6.23
C GLU A 192 -10.96 -8.82 7.36
N TYR A 193 -11.90 -7.91 7.08
CA TYR A 193 -12.80 -7.47 8.14
C TYR A 193 -13.71 -8.61 8.62
N ALA A 194 -13.99 -9.57 7.73
CA ALA A 194 -14.81 -10.71 8.10
C ALA A 194 -14.16 -11.54 9.21
N LYS A 195 -12.84 -11.38 9.39
CA LYS A 195 -12.14 -12.06 10.47
C LYS A 195 -12.53 -11.47 11.83
N THR A 196 -13.03 -10.25 11.81
CA THR A 196 -13.47 -9.56 13.02
C THR A 196 -14.97 -9.66 13.20
N ASN A 197 -15.73 -9.43 12.13
CA ASN A 197 -17.18 -9.44 12.19
C ASN A 197 -17.76 -10.16 10.96
N PRO A 198 -17.77 -11.50 10.99
CA PRO A 198 -18.21 -12.24 9.80
C PRO A 198 -19.69 -12.01 9.46
N ASP A 199 -20.55 -11.89 10.46
CA ASP A 199 -21.98 -11.72 10.20
C ASP A 199 -22.26 -10.45 9.38
N VAL A 200 -21.57 -9.37 9.71
CA VAL A 200 -21.80 -8.11 9.02
C VAL A 200 -21.32 -8.17 7.57
N VAL A 201 -20.17 -8.81 7.34
CA VAL A 201 -19.67 -8.96 5.98
C VAL A 201 -20.56 -9.89 5.16
N TRP A 202 -20.97 -11.01 5.76
CA TRP A 202 -21.88 -11.92 5.07
C TRP A 202 -23.18 -11.22 4.65
N GLU A 203 -23.81 -10.50 5.57
CA GLU A 203 -25.05 -9.81 5.24
C GLU A 203 -24.80 -8.80 4.13
N TYR A 204 -23.67 -8.10 4.20
CA TYR A 204 -23.40 -7.08 3.19
C TYR A 204 -23.29 -7.69 1.79
N VAL A 205 -22.51 -8.75 1.66
CA VAL A 205 -22.28 -9.33 0.34
C VAL A 205 -23.53 -10.03 -0.20
N GLN A 206 -24.44 -10.46 0.67
CA GLN A 206 -25.66 -11.11 0.22
C GLN A 206 -26.74 -10.10 -0.19
N ASN A 207 -26.55 -8.84 0.18
CA ASN A 207 -27.60 -7.84 0.00
C ASN A 207 -27.18 -6.56 -0.72
N ASN A 208 -25.96 -6.51 -1.23
CA ASN A 208 -25.48 -5.35 -1.97
C ASN A 208 -24.70 -5.79 -3.20
N GLU A 209 -24.83 -5.05 -4.29
CA GLU A 209 -24.14 -5.39 -5.54
C GLU A 209 -22.63 -5.29 -5.42
N LEU A 210 -21.94 -6.32 -5.93
CA LEU A 210 -20.48 -6.34 -5.99
C LEU A 210 -20.06 -7.03 -7.29
N ALA A 211 -18.87 -6.69 -7.79
CA ALA A 211 -18.29 -7.43 -8.89
C ALA A 211 -18.09 -8.85 -8.45
N PRO A 212 -18.27 -9.82 -9.36
CA PRO A 212 -18.07 -11.23 -9.01
C PRO A 212 -16.75 -11.48 -8.27
N LEU A 213 -15.65 -10.89 -8.74
CA LEU A 213 -14.37 -11.08 -8.09
C LEU A 213 -14.39 -10.58 -6.64
N SER A 214 -15.01 -9.42 -6.42
CA SER A 214 -15.06 -8.86 -5.07
C SER A 214 -15.81 -9.78 -4.13
N LYS A 215 -16.96 -10.30 -4.59
CA LYS A 215 -17.77 -11.15 -3.72
C LYS A 215 -17.06 -12.46 -3.40
N ARG A 216 -16.51 -13.14 -4.41
CA ARG A 216 -15.87 -14.43 -4.15
C ARG A 216 -14.63 -14.29 -3.27
N GLU A 217 -13.88 -13.19 -3.44
CA GLU A 217 -12.72 -12.95 -2.58
C GLU A 217 -13.16 -12.64 -1.14
N ALA A 218 -14.25 -11.90 -1.00
CA ALA A 218 -14.77 -11.54 0.32
C ALA A 218 -15.14 -12.77 1.16
N ILE A 219 -15.72 -13.77 0.53
CA ILE A 219 -16.26 -14.91 1.28
C ILE A 219 -15.41 -16.17 1.17
N LYS A 220 -14.20 -16.04 0.67
CA LYS A 220 -13.38 -17.24 0.42
C LYS A 220 -13.19 -18.09 1.67
N HIS A 221 -13.19 -17.46 2.84
CA HIS A 221 -13.13 -18.21 4.10
C HIS A 221 -14.50 -18.37 4.77
N ILE A 222 -15.26 -17.28 4.88
CA ILE A 222 -16.50 -17.35 5.66
C ILE A 222 -17.62 -18.15 4.99
N LYS A 223 -17.46 -18.49 3.72
CA LYS A 223 -18.43 -19.38 3.09
C LYS A 223 -18.47 -20.74 3.79
N GLN A 224 -17.38 -21.09 4.48
CA GLN A 224 -17.35 -22.32 5.28
C GLN A 224 -18.23 -22.19 6.51
N ASN A 225 -18.34 -20.97 7.05
CA ASN A 225 -19.16 -20.72 8.22
C ASN A 225 -20.67 -20.81 7.95
N TYR A 226 -21.07 -20.38 6.76
CA TYR A 226 -22.50 -20.24 6.46
C TYR A 226 -23.04 -21.28 5.51
N GLY A 227 -22.16 -21.87 4.69
CA GLY A 227 -22.57 -22.84 3.72
C GLY A 227 -22.88 -22.23 2.36
N ILE A 228 -22.92 -23.10 1.35
CA ILE A 228 -23.22 -22.69 -0.01
C ILE A 228 -24.53 -23.35 -0.45
N ASN A 229 -25.60 -22.57 -0.44
CA ASN A 229 -26.94 -23.05 -0.76
C ASN A 229 -26.99 -23.67 -2.14
N ASN A 230 -27.68 -24.81 -2.28
CA ASN A 230 -27.94 -25.36 -3.61
C ASN A 230 -28.69 -24.35 -4.47
N GLU A 231 -28.29 -24.22 -5.72
CA GLU A 231 -28.92 -23.27 -6.64
C GLU A 231 -30.14 -23.86 -7.34
#